data_7BQ0
#
_entry.id   7BQ0
#
_cell.length_a   60.591
_cell.length_b   100.618
_cell.length_c   61.990
_cell.angle_alpha   90.000
_cell.angle_beta   101.630
_cell.angle_gamma   90.000
#
_symmetry.space_group_name_H-M   'P 1 21 1'
#
loop_
_entity.id
_entity.type
_entity.pdbx_description
1 polymer 'Peroxisome proliferator-activated receptor alpha'
2 polymer '15-meric peptide from Nuclear receptor coactivator 1'
3 non-polymer '2-[4-(4-chlorobenzene-1-carbonyl)phenoxy]-2-methylpropanoic acid'
4 water water
#
loop_
_entity_poly.entity_id
_entity_poly.type
_entity_poly.pdbx_seq_one_letter_code
_entity_poly.pdbx_strand_id
1 'polypeptide(L)'
;GSHMTADLKSLAKRIYEAYLKNFNMNKVKARVILSGKASNNPPFVIHDMETLCMAEKTLVAKLVANGIQNKEAEVRIFHC
CQCTSVETVTELTEFAKAIPGFANLDLNDQVTLLKYGVYEAIFAMLSSVMNKDGMLVAYGNGFITREFLKSLRKPFCDIM
EPKFDFAMKFNALELDDSDISLFVAAIICCGDRPGLLNVGHIEKMQEGIVHVLRLHLQSNHPDDIFLFPKLLQKMADLRQ
LVTEHAQLVQIIKKTESDAALHPLLQEIYRDMY
;
A,C
2 'polypeptide(L)' LTERHKILHRLLQEG B,D
#
# COMPACT_ATOMS: atom_id res chain seq x y z
N MET A 4 16.61 3.75 0.29
CA MET A 4 15.68 3.04 1.19
C MET A 4 15.43 1.57 0.78
N THR A 5 16.07 0.66 1.50
CA THR A 5 16.09 -0.75 1.15
C THR A 5 14.72 -1.42 1.37
N ALA A 6 14.57 -2.64 0.83
CA ALA A 6 13.30 -3.35 0.94
C ALA A 6 12.90 -3.64 2.39
N ASP A 7 13.88 -3.87 3.28
CA ASP A 7 13.57 -4.05 4.71
C ASP A 7 12.96 -2.79 5.34
N LEU A 8 13.45 -1.61 4.95
CA LEU A 8 12.88 -0.41 5.54
C LEU A 8 11.49 -0.15 4.98
N LYS A 9 11.29 -0.43 3.69
CA LYS A 9 9.97 -0.27 3.09
C LYS A 9 8.97 -1.22 3.73
N SER A 10 9.40 -2.46 4.02
CA SER A 10 8.53 -3.43 4.68
C SER A 10 8.10 -2.96 6.06
N LEU A 11 9.07 -2.50 6.87
CA LEU A 11 8.69 -2.03 8.20
C LEU A 11 7.67 -0.89 8.10
N ALA A 12 7.89 0.05 7.16
CA ALA A 12 6.91 1.13 7.02
C ALA A 12 5.53 0.60 6.63
N LYS A 13 5.47 -0.36 5.71
CA LYS A 13 4.17 -0.84 5.25
C LYS A 13 3.48 -1.64 6.35
N ARG A 14 4.25 -2.33 7.20
CA ARG A 14 3.67 -3.08 8.31
C ARG A 14 3.16 -2.18 9.42
N ILE A 15 3.89 -1.07 9.68
CA ILE A 15 3.38 -0.08 10.63
C ILE A 15 2.10 0.55 10.09
N TYR A 16 2.06 0.80 8.78
CA TYR A 16 0.86 1.36 8.17
C TYR A 16 -0.32 0.39 8.31
N GLU A 17 -0.09 -0.89 7.99
CA GLU A 17 -1.14 -1.88 8.20
C GLU A 17 -1.63 -1.86 9.66
N ALA A 18 -0.73 -1.79 10.61
CA ALA A 18 -1.19 -1.86 11.99
C ALA A 18 -2.02 -0.64 12.35
N TYR A 19 -1.67 0.49 11.75
CA TYR A 19 -2.45 1.71 11.93
C TYR A 19 -3.82 1.59 11.33
N LEU A 20 -3.91 1.09 10.08
CA LEU A 20 -5.21 0.95 9.45
C LEU A 20 -6.05 -0.09 10.17
N LYS A 21 -5.40 -1.07 10.79
CA LYS A 21 -6.17 -2.13 11.44
C LYS A 21 -6.63 -1.76 12.85
N ASN A 22 -6.03 -0.78 13.48
CA ASN A 22 -6.33 -0.49 14.86
C ASN A 22 -7.07 0.81 15.07
N PHE A 23 -7.02 1.76 14.14
CA PHE A 23 -7.71 3.02 14.36
C PHE A 23 -8.99 3.04 13.54
N ASN A 24 -10.11 3.31 14.21
CA ASN A 24 -11.38 3.29 13.49
C ASN A 24 -11.48 4.43 12.49
N MET A 25 -10.83 5.56 12.76
CA MET A 25 -10.83 6.71 11.87
C MET A 25 -9.41 6.97 11.37
N ASN A 26 -9.29 7.40 10.12
CA ASN A 26 -7.99 7.73 9.52
C ASN A 26 -8.19 8.90 8.59
N LYS A 27 -7.08 9.41 8.03
CA LYS A 27 -7.20 10.68 7.30
C LYS A 27 -7.87 10.51 5.95
N VAL A 28 -7.69 9.38 5.29
CA VAL A 28 -8.33 9.29 3.98
C VAL A 28 -9.85 9.31 4.14
N LYS A 29 -10.37 8.58 5.13
CA LYS A 29 -11.82 8.63 5.42
C LYS A 29 -12.26 10.01 5.85
N ALA A 30 -11.50 10.67 6.73
CA ALA A 30 -11.94 11.95 7.26
C ALA A 30 -12.01 13.00 6.16
N ARG A 31 -11.01 13.00 5.27
CA ARG A 31 -11.00 13.99 4.20
C ARG A 31 -12.10 13.72 3.16
N VAL A 32 -12.44 12.45 2.91
CA VAL A 32 -13.60 12.12 2.08
C VAL A 32 -14.86 12.80 2.62
N ILE A 33 -15.06 12.70 3.95
CA ILE A 33 -16.26 13.28 4.56
C ILE A 33 -16.20 14.79 4.54
N LEU A 34 -15.04 15.36 4.87
CA LEU A 34 -14.97 16.82 5.04
C LEU A 34 -15.07 17.51 3.70
N SER A 35 -14.68 16.83 2.63
CA SER A 35 -14.71 17.36 1.27
C SER A 35 -16.12 17.35 0.66
N GLY A 36 -16.97 16.42 1.09
CA GLY A 36 -18.33 16.35 0.57
C GLY A 36 -18.47 15.82 -0.84
N LYS A 37 -17.42 15.28 -1.46
CA LYS A 37 -17.45 14.86 -2.85
C LYS A 37 -17.70 13.35 -3.02
N ALA A 38 -18.16 12.65 -1.98
CA ALA A 38 -18.53 11.26 -2.12
C ALA A 38 -19.94 10.95 -1.61
N SER A 39 -20.70 11.96 -1.20
CA SER A 39 -22.11 11.81 -0.84
C SER A 39 -22.69 13.19 -0.60
N ASN A 40 -24.01 13.27 -0.74
CA ASN A 40 -24.77 14.50 -0.52
C ASN A 40 -25.42 14.54 0.85
N ASN A 41 -24.93 13.71 1.76
CA ASN A 41 -25.50 13.54 3.09
C ASN A 41 -24.39 13.86 4.10
N PRO A 42 -24.19 15.13 4.44
CA PRO A 42 -23.06 15.51 5.27
C PRO A 42 -23.33 15.13 6.72
N PRO A 43 -22.31 15.21 7.57
CA PRO A 43 -22.52 14.96 8.99
C PRO A 43 -23.44 15.99 9.61
N PHE A 44 -24.09 15.57 10.69
CA PHE A 44 -24.90 16.50 11.46
C PHE A 44 -24.02 17.56 12.12
N VAL A 45 -24.39 18.85 12.01
CA VAL A 45 -23.55 19.93 12.54
C VAL A 45 -24.05 20.38 13.90
N ILE A 46 -23.17 20.29 14.88
CA ILE A 46 -23.39 20.83 16.21
C ILE A 46 -22.72 22.20 16.25
N HIS A 47 -23.53 23.27 16.17
CA HIS A 47 -23.02 24.63 16.15
C HIS A 47 -23.62 25.54 17.20
N ASP A 48 -24.55 25.03 18.02
CA ASP A 48 -25.06 25.83 19.13
C ASP A 48 -25.71 24.88 20.13
N MET A 49 -26.26 25.45 21.21
CA MET A 49 -26.83 24.59 22.23
C MET A 49 -28.01 23.77 21.72
N GLU A 50 -28.80 24.34 20.82
CA GLU A 50 -29.98 23.60 20.35
C GLU A 50 -29.56 22.37 19.53
N THR A 51 -28.64 22.53 18.58
CA THR A 51 -28.22 21.35 17.81
C THR A 51 -27.39 20.40 18.66
N LEU A 52 -26.62 20.91 19.64
CA LEU A 52 -26.03 20.01 20.63
C LEU A 52 -27.11 19.12 21.23
N CYS A 53 -28.17 19.72 21.76
CA CYS A 53 -29.20 18.92 22.43
C CYS A 53 -29.86 17.94 21.44
N MET A 54 -29.98 18.32 20.17
CA MET A 54 -30.56 17.42 19.19
C MET A 54 -29.65 16.21 18.99
N ALA A 55 -28.34 16.46 18.84
CA ALA A 55 -27.41 15.33 18.72
C ALA A 55 -27.48 14.45 19.95
N GLU A 56 -27.65 15.06 21.13
CA GLU A 56 -27.65 14.28 22.36
C GLU A 56 -28.85 13.37 22.48
N LYS A 57 -29.90 13.58 21.69
CA LYS A 57 -31.00 12.61 21.66
C LYS A 57 -30.54 11.25 21.14
N THR A 58 -29.61 11.26 20.19
CA THR A 58 -28.99 10.02 19.72
C THR A 58 -28.06 9.44 20.76
N LEU A 59 -27.40 10.30 21.53
CA LEU A 59 -26.41 9.89 22.50
C LEU A 59 -27.03 9.65 23.87
N VAL A 60 -28.37 9.62 23.96
CA VAL A 60 -29.00 9.54 25.27
C VAL A 60 -28.49 8.33 26.05
N ALA A 61 -28.28 7.17 25.39
CA ALA A 61 -27.87 6.00 26.19
C ALA A 61 -26.46 6.16 26.75
N LYS A 62 -25.54 6.75 25.97
CA LYS A 62 -24.22 7.07 26.51
C LYS A 62 -24.32 8.01 27.70
N LEU A 63 -25.16 9.04 27.60
CA LEU A 63 -25.24 10.00 28.71
C LEU A 63 -25.90 9.36 29.93
N VAL A 64 -27.05 8.70 29.73
CA VAL A 64 -27.76 8.13 30.89
C VAL A 64 -26.96 7.00 31.52
N ALA A 65 -26.12 6.33 30.73
CA ALA A 65 -25.29 5.24 31.25
C ALA A 65 -24.59 5.64 32.56
N ASN A 66 -23.97 6.83 32.56
CA ASN A 66 -23.19 7.32 33.69
C ASN A 66 -23.89 8.49 34.38
N GLY A 67 -25.20 8.61 34.20
CA GLY A 67 -25.95 9.67 34.86
C GLY A 67 -25.43 11.05 34.53
N ILE A 68 -25.04 11.27 33.28
CA ILE A 68 -24.52 12.56 32.81
C ILE A 68 -25.60 13.45 32.21
N GLN A 69 -26.82 12.92 31.96
CA GLN A 69 -27.76 13.59 31.09
C GLN A 69 -28.24 14.94 31.65
N ASN A 70 -28.15 15.18 32.97
CA ASN A 70 -28.63 16.43 33.55
C ASN A 70 -27.51 17.39 33.93
N LYS A 71 -26.27 17.08 33.56
CA LYS A 71 -25.14 17.96 33.84
C LYS A 71 -25.17 19.18 32.91
N GLU A 72 -24.39 20.19 33.26
CA GLU A 72 -24.17 21.34 32.40
C GLU A 72 -23.68 20.90 31.01
N ALA A 73 -24.09 21.64 29.97
CA ALA A 73 -23.73 21.29 28.59
C ALA A 73 -22.23 21.05 28.47
N GLU A 74 -21.44 21.99 29.01
CA GLU A 74 -19.98 21.88 28.93
C GLU A 74 -19.48 20.56 29.48
N VAL A 75 -20.03 20.12 30.62
CA VAL A 75 -19.63 18.85 31.21
C VAL A 75 -20.06 17.68 30.31
N ARG A 76 -21.24 17.78 29.72
CA ARG A 76 -21.72 16.67 28.87
C ARG A 76 -20.83 16.52 27.63
N ILE A 77 -20.48 17.64 27.03
CA ILE A 77 -19.63 17.60 25.82
C ILE A 77 -18.33 16.89 26.15
N PHE A 78 -17.67 17.31 27.21
CA PHE A 78 -16.38 16.72 27.49
C PHE A 78 -16.45 15.38 28.18
N HIS A 79 -17.61 14.99 28.71
CA HIS A 79 -17.79 13.58 29.01
C HIS A 79 -17.66 12.74 27.75
N CYS A 80 -18.39 13.13 26.72
CA CYS A 80 -18.37 12.36 25.46
C CYS A 80 -16.97 12.38 24.88
N CYS A 81 -16.31 13.54 24.92
CA CYS A 81 -14.94 13.62 24.44
C CYS A 81 -14.00 12.67 25.18
N GLN A 82 -14.12 12.60 26.52
CA GLN A 82 -13.31 11.64 27.24
C GLN A 82 -13.53 10.21 26.76
N CYS A 83 -14.79 9.86 26.48
CA CYS A 83 -15.09 8.50 26.02
C CYS A 83 -14.32 8.20 24.76
N THR A 84 -14.27 9.18 23.85
CA THR A 84 -13.45 9.02 22.65
C THR A 84 -11.98 8.92 22.97
N SER A 85 -11.46 9.74 23.90
CA SER A 85 -10.06 9.55 24.25
C SER A 85 -9.78 8.13 24.78
N VAL A 86 -10.66 7.58 25.63
CA VAL A 86 -10.46 6.22 26.14
C VAL A 86 -10.40 5.23 24.98
N GLU A 87 -11.30 5.37 24.03
CA GLU A 87 -11.25 4.53 22.84
C GLU A 87 -9.90 4.66 22.13
N THR A 88 -9.45 5.91 21.89
CA THR A 88 -8.17 6.07 21.19
C THR A 88 -6.98 5.56 22.00
N VAL A 89 -6.99 5.71 23.35
CA VAL A 89 -5.92 5.10 24.14
C VAL A 89 -5.91 3.58 23.96
N THR A 90 -7.10 2.97 24.00
CA THR A 90 -7.21 1.52 23.83
C THR A 90 -6.66 1.09 22.46
N GLU A 91 -6.99 1.85 21.43
CA GLU A 91 -6.46 1.55 20.11
C GLU A 91 -4.95 1.77 20.05
N LEU A 92 -4.46 2.87 20.64
CA LEU A 92 -3.02 3.11 20.68
C LEU A 92 -2.29 1.97 21.35
N THR A 93 -2.90 1.36 22.37
CA THR A 93 -2.24 0.26 23.07
C THR A 93 -2.10 -0.95 22.15
N GLU A 94 -3.14 -1.26 21.37
CA GLU A 94 -3.02 -2.36 20.41
C GLU A 94 -2.02 -2.01 19.31
N PHE A 95 -2.08 -0.76 18.83
CA PHE A 95 -1.11 -0.35 17.82
C PHE A 95 0.32 -0.49 18.34
N ALA A 96 0.57 -0.09 19.59
CA ALA A 96 1.93 -0.18 20.11
C ALA A 96 2.41 -1.64 20.10
N LYS A 97 1.55 -2.56 20.52
CA LYS A 97 1.93 -3.98 20.57
C LYS A 97 2.35 -4.51 19.21
N ALA A 98 1.95 -3.85 18.13
CA ALA A 98 2.34 -4.26 16.78
C ALA A 98 3.63 -3.60 16.33
N ILE A 99 4.19 -2.70 17.11
CA ILE A 99 5.48 -2.11 16.74
C ILE A 99 6.60 -3.06 17.09
N PRO A 100 7.42 -3.52 16.13
CA PRO A 100 8.47 -4.50 16.45
C PRO A 100 9.32 -4.09 17.65
N GLY A 101 9.40 -4.97 18.64
CA GLY A 101 10.24 -4.73 19.79
C GLY A 101 9.52 -4.13 20.97
N PHE A 102 8.32 -3.56 20.75
CA PHE A 102 7.63 -2.90 21.86
C PHE A 102 7.13 -3.92 22.88
N ALA A 103 6.52 -4.99 22.39
CA ALA A 103 6.01 -6.00 23.32
C ALA A 103 7.13 -6.74 24.07
N ASN A 104 8.36 -6.73 23.53
CA ASN A 104 9.49 -7.31 24.24
C ASN A 104 9.96 -6.47 25.42
N LEU A 105 9.64 -5.18 25.42
CA LEU A 105 10.10 -4.31 26.50
C LEU A 105 9.53 -4.74 27.84
N ASP A 106 10.22 -4.32 28.89
CA ASP A 106 9.72 -4.47 30.25
C ASP A 106 8.33 -3.87 30.33
N LEU A 107 7.39 -4.61 30.93
CA LEU A 107 6.02 -4.15 30.95
C LEU A 107 5.90 -2.79 31.57
N ASN A 108 6.76 -2.48 32.55
CA ASN A 108 6.74 -1.15 33.15
C ASN A 108 7.07 -0.07 32.14
N ASP A 109 8.09 -0.32 31.31
CA ASP A 109 8.45 0.61 30.25
C ASP A 109 7.33 0.77 29.24
N GLN A 110 6.60 -0.31 28.94
CA GLN A 110 5.46 -0.20 28.03
C GLN A 110 4.42 0.76 28.61
N VAL A 111 4.13 0.64 29.90
CA VAL A 111 3.19 1.55 30.52
C VAL A 111 3.73 2.99 30.48
N THR A 112 5.02 3.16 30.68
CA THR A 112 5.57 4.51 30.73
C THR A 112 5.48 5.18 29.37
N LEU A 113 5.90 4.46 28.32
CA LEU A 113 5.81 5.00 26.97
C LEU A 113 4.38 5.40 26.63
N LEU A 114 3.41 4.52 26.93
CA LEU A 114 2.03 4.87 26.62
C LEU A 114 1.53 6.03 27.47
N LYS A 115 1.84 6.03 28.78
CA LYS A 115 1.44 7.13 29.64
C LYS A 115 1.82 8.49 29.03
N TYR A 116 3.10 8.66 28.64
CA TYR A 116 3.53 9.97 28.13
C TYR A 116 3.25 10.17 26.65
N GLY A 117 3.12 9.08 25.90
CA GLY A 117 2.96 9.18 24.46
C GLY A 117 1.53 9.29 23.97
N VAL A 118 0.54 8.75 24.71
CA VAL A 118 -0.77 8.63 24.07
C VAL A 118 -1.37 9.99 23.74
N TYR A 119 -1.18 11.02 24.60
CA TYR A 119 -1.86 12.26 24.22
C TYR A 119 -1.12 13.00 23.12
N GLU A 120 0.20 12.81 22.98
CA GLU A 120 0.87 13.42 21.83
C GLU A 120 0.33 12.80 20.55
N ALA A 121 0.12 11.48 20.58
CA ALA A 121 -0.42 10.82 19.39
C ALA A 121 -1.89 11.21 19.16
N ILE A 122 -2.69 11.29 20.23
CA ILE A 122 -4.08 11.71 20.12
C ILE A 122 -4.19 13.06 19.42
N PHE A 123 -3.42 14.08 19.84
CA PHE A 123 -3.61 15.39 19.24
C PHE A 123 -3.02 15.42 17.84
N ALA A 124 -1.99 14.61 17.56
CA ALA A 124 -1.53 14.52 16.18
C ALA A 124 -2.62 13.95 15.28
N MET A 125 -3.20 12.81 15.69
CA MET A 125 -4.21 12.18 14.85
C MET A 125 -5.49 13.01 14.83
N LEU A 126 -5.79 13.72 15.92
CA LEU A 126 -6.99 14.55 15.92
C LEU A 126 -6.94 15.55 14.76
N SER A 127 -5.74 15.95 14.35
CA SER A 127 -5.63 16.90 13.26
C SER A 127 -6.31 16.38 12.01
N SER A 128 -6.27 15.06 11.79
CA SER A 128 -6.87 14.46 10.61
C SER A 128 -8.37 14.73 10.50
N VAL A 129 -9.07 14.88 11.62
CA VAL A 129 -10.52 15.08 11.58
C VAL A 129 -10.89 16.54 11.78
N MET A 130 -9.92 17.44 11.71
CA MET A 130 -10.16 18.86 11.93
C MET A 130 -10.01 19.63 10.60
N ASN A 131 -10.86 20.63 10.43
CA ASN A 131 -10.50 21.72 9.49
C ASN A 131 -10.63 23.07 10.20
N LYS A 132 -10.47 24.17 9.46
CA LYS A 132 -10.40 25.42 10.17
C LYS A 132 -11.72 25.77 10.85
N ASP A 133 -12.82 25.11 10.52
CA ASP A 133 -14.13 25.44 11.05
C ASP A 133 -14.67 24.48 12.12
N GLY A 134 -14.08 23.30 12.30
CA GLY A 134 -14.60 22.36 13.28
C GLY A 134 -13.97 21.00 13.16
N MET A 135 -14.52 20.03 13.90
CA MET A 135 -13.95 18.69 13.91
C MET A 135 -15.04 17.65 13.79
N LEU A 136 -14.74 16.57 13.08
CA LEU A 136 -15.65 15.44 13.03
C LEU A 136 -15.71 14.74 14.38
N VAL A 137 -16.91 14.23 14.73
CA VAL A 137 -17.11 13.41 15.92
C VAL A 137 -17.97 12.21 15.57
N ALA A 138 -18.06 11.27 16.51
CA ALA A 138 -18.87 10.05 16.36
C ALA A 138 -18.56 9.34 15.04
N TYR A 139 -17.28 9.00 14.86
CA TYR A 139 -16.84 8.23 13.70
C TYR A 139 -17.23 8.91 12.38
N GLY A 140 -17.06 10.22 12.30
CA GLY A 140 -17.30 10.98 11.10
C GLY A 140 -18.76 11.34 10.85
N ASN A 141 -19.67 10.99 11.77
CA ASN A 141 -21.09 11.21 11.56
C ASN A 141 -21.58 12.59 12.02
N GLY A 142 -20.79 13.28 12.82
CA GLY A 142 -21.15 14.61 13.27
C GLY A 142 -19.98 15.55 13.06
N PHE A 143 -20.24 16.85 13.21
CA PHE A 143 -19.21 17.88 13.02
C PHE A 143 -19.51 18.97 14.02
N ILE A 144 -18.63 19.16 15.00
CA ILE A 144 -18.82 20.21 16.02
C ILE A 144 -17.98 21.43 15.65
N THR A 145 -18.61 22.61 15.64
CA THR A 145 -17.88 23.76 15.13
C THR A 145 -16.89 24.30 16.14
N ARG A 146 -15.81 24.83 15.59
CA ARG A 146 -14.78 25.51 16.37
C ARG A 146 -15.36 26.73 17.07
N GLU A 147 -16.24 27.48 16.41
CA GLU A 147 -16.82 28.65 17.09
C GLU A 147 -17.76 28.24 18.22
N PHE A 148 -18.48 27.12 18.06
CA PHE A 148 -19.33 26.66 19.17
C PHE A 148 -18.48 26.30 20.38
N LEU A 149 -17.33 25.63 20.15
CA LEU A 149 -16.48 25.28 21.28
C LEU A 149 -15.90 26.53 21.93
N LYS A 150 -15.57 27.55 21.13
CA LYS A 150 -15.04 28.82 21.67
C LYS A 150 -16.07 29.56 22.51
N SER A 151 -17.36 29.36 22.23
CA SER A 151 -18.47 30.02 22.89
C SER A 151 -18.82 29.42 24.24
N LEU A 152 -18.25 28.27 24.61
CA LEU A 152 -18.50 27.67 25.91
C LEU A 152 -17.95 28.54 27.03
N ARG A 153 -18.42 28.28 28.25
CA ARG A 153 -17.89 29.07 29.35
C ARG A 153 -16.47 28.63 29.69
N LYS A 154 -15.63 29.61 30.10
CA LYS A 154 -14.35 29.22 30.68
C LYS A 154 -14.55 28.23 31.80
N PRO A 155 -13.64 27.25 32.03
CA PRO A 155 -12.41 26.93 31.30
C PRO A 155 -12.67 26.11 30.01
N PHE A 156 -13.89 25.60 29.84
CA PHE A 156 -14.10 24.61 28.78
C PHE A 156 -13.82 25.18 27.38
N CYS A 157 -14.10 26.46 27.15
CA CYS A 157 -13.82 27.05 25.84
C CYS A 157 -12.35 27.10 25.51
N ASP A 158 -11.48 26.88 26.49
CA ASP A 158 -10.06 26.97 26.25
C ASP A 158 -9.42 25.61 25.98
N ILE A 159 -10.22 24.54 25.91
CA ILE A 159 -9.66 23.20 25.81
C ILE A 159 -9.26 22.91 24.36
N MET A 160 -10.17 23.10 23.42
CA MET A 160 -9.94 22.56 22.07
C MET A 160 -9.27 23.58 21.16
N GLU A 161 -9.41 24.88 21.43
CA GLU A 161 -8.82 25.85 20.51
C GLU A 161 -7.32 25.65 20.29
N PRO A 162 -6.47 25.38 21.31
CA PRO A 162 -5.03 25.23 20.99
C PRO A 162 -4.77 24.00 20.12
N LYS A 163 -5.67 23.00 20.18
CA LYS A 163 -5.54 21.82 19.33
C LYS A 163 -5.88 22.14 17.90
N PHE A 164 -6.91 22.98 17.69
CA PHE A 164 -7.17 23.45 16.32
C PHE A 164 -5.97 24.24 15.78
N ASP A 165 -5.36 25.08 16.63
CA ASP A 165 -4.22 25.89 16.20
C ASP A 165 -3.08 25.01 15.76
N PHE A 166 -2.80 23.98 16.57
CA PHE A 166 -1.79 23.00 16.18
C PHE A 166 -2.18 22.31 14.88
N ALA A 167 -3.43 21.86 14.77
CA ALA A 167 -3.85 21.05 13.59
C ALA A 167 -3.77 21.84 12.30
N MET A 168 -4.11 23.12 12.34
CA MET A 168 -4.09 23.85 11.05
C MET A 168 -2.67 23.88 10.46
N LYS A 169 -1.66 24.07 11.30
CA LYS A 169 -0.29 24.09 10.79
C LYS A 169 0.18 22.68 10.48
N PHE A 170 -0.23 21.70 11.29
CA PHE A 170 0.14 20.31 11.01
C PHE A 170 -0.47 19.84 9.70
N ASN A 171 -1.73 20.17 9.46
CA ASN A 171 -2.39 19.72 8.24
C ASN A 171 -1.79 20.40 7.02
N ALA A 172 -1.19 21.58 7.17
CA ALA A 172 -0.57 22.23 6.01
C ALA A 172 0.62 21.43 5.49
N LEU A 173 1.15 20.48 6.29
CA LEU A 173 2.23 19.59 5.85
C LEU A 173 1.75 18.50 4.89
N GLU A 174 0.43 18.33 4.75
CA GLU A 174 -0.17 17.40 3.78
C GLU A 174 0.33 15.97 3.96
N LEU A 175 0.48 15.54 5.21
CA LEU A 175 0.82 14.14 5.47
C LEU A 175 -0.34 13.21 5.06
N ASP A 176 0.00 11.99 4.69
CA ASP A 176 -1.02 10.97 4.51
C ASP A 176 -0.86 9.93 5.62
N ASP A 177 -1.74 8.93 5.59
CA ASP A 177 -1.76 7.94 6.67
C ASP A 177 -0.45 7.15 6.76
N SER A 178 0.17 6.85 5.60
CA SER A 178 1.45 6.15 5.64
C SER A 178 2.49 6.96 6.44
N ASP A 179 2.45 8.31 6.33
CA ASP A 179 3.36 9.14 7.13
C ASP A 179 2.93 9.15 8.58
N ILE A 180 1.62 9.33 8.81
CA ILE A 180 1.13 9.51 10.19
C ILE A 180 1.36 8.25 11.00
N SER A 181 1.26 7.07 10.37
CA SER A 181 1.49 5.84 11.12
C SER A 181 2.93 5.81 11.66
N LEU A 182 3.92 6.21 10.85
CA LEU A 182 5.30 6.17 11.34
C LEU A 182 5.55 7.27 12.37
N PHE A 183 4.93 8.43 12.18
CA PHE A 183 5.02 9.53 13.14
C PHE A 183 4.48 9.11 14.50
N VAL A 184 3.31 8.45 14.52
CA VAL A 184 2.77 7.99 15.79
C VAL A 184 3.68 6.94 16.42
N ALA A 185 4.22 6.03 15.62
CA ALA A 185 5.17 5.07 16.19
C ALA A 185 6.37 5.81 16.78
N ALA A 186 6.85 6.85 16.08
CA ALA A 186 7.99 7.60 16.62
C ALA A 186 7.64 8.30 17.92
N ILE A 187 6.41 8.82 18.05
CA ILE A 187 5.96 9.43 19.30
C ILE A 187 5.98 8.40 20.43
N ILE A 188 5.41 7.21 20.19
CA ILE A 188 5.37 6.21 21.27
C ILE A 188 6.79 5.77 21.66
N CYS A 189 7.67 5.55 20.69
CA CYS A 189 8.99 4.94 20.95
C CYS A 189 10.00 6.05 21.17
N CYS A 190 9.93 6.61 22.36
CA CYS A 190 10.62 7.82 22.76
C CYS A 190 11.52 7.47 23.92
N GLY A 191 12.83 7.70 23.76
CA GLY A 191 13.75 7.26 24.80
C GLY A 191 13.86 8.15 26.02
N ASP A 192 13.31 9.35 26.01
CA ASP A 192 13.54 10.27 27.13
C ASP A 192 12.33 10.50 28.01
N ARG A 193 11.37 9.56 28.05
CA ARG A 193 10.29 9.70 29.01
C ARG A 193 10.82 9.46 30.43
N PRO A 194 10.25 10.14 31.41
CA PRO A 194 10.66 9.92 32.80
C PRO A 194 10.38 8.49 33.25
N GLY A 195 11.31 7.93 34.01
CA GLY A 195 11.08 6.68 34.70
C GLY A 195 11.32 5.45 33.87
N LEU A 196 11.99 5.58 32.73
CA LEU A 196 12.24 4.42 31.89
C LEU A 196 13.37 3.60 32.47
N LEU A 197 13.21 2.29 32.47
CA LEU A 197 14.17 1.39 33.11
C LEU A 197 15.27 0.91 32.17
N ASN A 198 14.99 0.78 30.87
CA ASN A 198 15.97 0.29 29.89
C ASN A 198 16.07 1.31 28.74
N VAL A 199 16.57 2.50 29.07
CA VAL A 199 16.63 3.60 28.12
C VAL A 199 17.40 3.20 26.87
N GLY A 200 18.43 2.37 27.02
CA GLY A 200 19.22 1.96 25.88
C GLY A 200 18.43 1.15 24.86
N HIS A 201 17.69 0.15 25.35
N HIS A 201 17.68 0.14 25.33
CA HIS A 201 16.87 -0.67 24.46
CA HIS A 201 16.91 -0.65 24.37
C HIS A 201 15.86 0.19 23.72
C HIS A 201 15.86 0.22 23.68
N ILE A 202 15.25 1.15 24.42
CA ILE A 202 14.24 2.01 23.82
C ILE A 202 14.87 2.93 22.79
N GLU A 203 16.04 3.50 23.10
CA GLU A 203 16.67 4.44 22.19
C GLU A 203 17.00 3.77 20.87
N LYS A 204 17.37 2.49 20.90
CA LYS A 204 17.62 1.74 19.68
C LYS A 204 16.33 1.54 18.89
N MET A 205 15.23 1.23 19.57
CA MET A 205 13.93 1.16 18.89
C MET A 205 13.60 2.51 18.25
N GLN A 206 13.75 3.58 19.02
CA GLN A 206 13.46 4.92 18.52
C GLN A 206 14.28 5.24 17.27
N GLU A 207 15.58 4.91 17.31
CA GLU A 207 16.42 5.17 16.14
C GLU A 207 15.92 4.43 14.90
N GLY A 208 15.55 3.16 15.05
CA GLY A 208 15.08 2.40 13.91
C GLY A 208 13.84 3.01 13.29
N ILE A 209 12.94 3.52 14.12
CA ILE A 209 11.67 4.02 13.60
C ILE A 209 11.88 5.38 12.94
N VAL A 210 12.67 6.22 13.60
CA VAL A 210 12.97 7.57 13.09
C VAL A 210 13.76 7.52 11.80
N HIS A 211 14.57 6.48 11.61
CA HIS A 211 15.30 6.30 10.38
C HIS A 211 14.34 5.96 9.24
N VAL A 212 13.45 4.98 9.46
CA VAL A 212 12.44 4.69 8.47
C VAL A 212 11.55 5.91 8.24
N LEU A 213 11.20 6.64 9.28
CA LEU A 213 10.35 7.82 9.09
C LEU A 213 11.05 8.81 8.15
N ARG A 214 12.33 9.06 8.41
CA ARG A 214 13.04 10.04 7.59
C ARG A 214 13.11 9.57 6.14
N LEU A 215 13.49 8.32 5.89
CA LEU A 215 13.62 7.90 4.50
C LEU A 215 12.27 7.79 3.84
N HIS A 216 11.26 7.37 4.60
CA HIS A 216 9.90 7.32 4.08
C HIS A 216 9.47 8.69 3.59
N LEU A 217 9.68 9.72 4.39
CA LEU A 217 9.25 11.07 4.00
C LEU A 217 10.05 11.57 2.79
N GLN A 218 11.34 11.25 2.75
CA GLN A 218 12.11 11.69 1.58
C GLN A 218 11.59 11.05 0.29
N SER A 219 11.14 9.78 0.38
CA SER A 219 10.54 9.08 -0.77
C SER A 219 9.14 9.59 -1.11
N ASN A 220 8.28 9.78 -0.09
CA ASN A 220 6.86 10.04 -0.30
C ASN A 220 6.58 11.51 -0.56
N HIS A 221 7.46 12.40 -0.04
CA HIS A 221 7.31 13.86 -0.20
C HIS A 221 8.63 14.44 -0.69
N PRO A 222 9.11 13.98 -1.84
CA PRO A 222 10.46 14.37 -2.28
C PRO A 222 10.58 15.87 -2.51
N ASP A 223 9.48 16.56 -2.76
CA ASP A 223 9.55 17.99 -3.01
C ASP A 223 9.53 18.84 -1.73
N ASP A 224 9.15 18.28 -0.58
CA ASP A 224 9.18 19.01 0.68
C ASP A 224 10.46 18.55 1.38
N ILE A 225 11.57 19.21 1.08
CA ILE A 225 12.87 18.63 1.37
C ILE A 225 13.09 18.45 2.87
N PHE A 226 12.72 19.45 3.67
CA PHE A 226 12.95 19.43 5.10
C PHE A 226 11.70 18.99 5.86
N LEU A 227 10.83 18.17 5.23
CA LEU A 227 9.64 17.69 5.94
C LEU A 227 10.04 16.97 7.23
N PHE A 228 11.09 16.13 7.16
CA PHE A 228 11.47 15.40 8.37
C PHE A 228 11.87 16.33 9.52
N PRO A 229 12.75 17.31 9.34
CA PRO A 229 12.98 18.28 10.45
C PRO A 229 11.72 19.02 10.87
N LYS A 230 10.85 19.41 9.93
CA LYS A 230 9.59 20.03 10.33
C LYS A 230 8.85 19.12 11.32
N LEU A 231 8.78 17.84 11.00
CA LEU A 231 8.04 16.89 11.89
C LEU A 231 8.76 16.68 13.19
N LEU A 232 10.10 16.71 13.21
CA LEU A 232 10.81 16.70 14.49
C LEU A 232 10.36 17.88 15.35
N GLN A 233 10.21 19.06 14.74
CA GLN A 233 9.72 20.16 15.55
C GLN A 233 8.28 19.91 16.00
N LYS A 234 7.45 19.33 15.13
CA LYS A 234 6.06 19.10 15.54
C LYS A 234 6.01 18.16 16.73
N MET A 235 6.94 17.20 16.83
CA MET A 235 6.96 16.32 18.00
C MET A 235 7.25 17.12 19.27
N ALA A 236 8.17 18.06 19.20
CA ALA A 236 8.42 18.95 20.33
C ALA A 236 7.18 19.78 20.67
N ASP A 237 6.54 20.33 19.63
CA ASP A 237 5.33 21.13 19.85
C ASP A 237 4.26 20.29 20.56
N LEU A 238 4.11 19.03 20.15
CA LEU A 238 3.09 18.18 20.78
C LEU A 238 3.41 17.96 22.24
N ARG A 239 4.69 17.78 22.59
CA ARG A 239 5.02 17.59 24.00
C ARG A 239 4.59 18.81 24.81
N GLN A 240 4.81 20.00 24.28
CA GLN A 240 4.41 21.19 24.98
C GLN A 240 2.88 21.33 25.00
N LEU A 241 2.22 20.97 23.89
CA LEU A 241 0.77 21.03 23.88
C LEU A 241 0.17 20.10 24.96
N VAL A 242 0.72 18.91 25.11
CA VAL A 242 0.19 17.97 26.11
C VAL A 242 0.48 18.48 27.52
N THR A 243 1.68 19.04 27.73
CA THR A 243 1.98 19.64 29.04
C THR A 243 0.94 20.69 29.43
N GLU A 244 0.59 21.59 28.50
CA GLU A 244 -0.37 22.64 28.78
C GLU A 244 -1.76 22.05 28.96
N HIS A 245 -2.08 21.01 28.17
CA HIS A 245 -3.37 20.36 28.31
C HIS A 245 -3.54 19.76 29.71
N ALA A 246 -2.53 19.02 30.15
CA ALA A 246 -2.59 18.38 31.46
C ALA A 246 -2.69 19.40 32.59
N GLN A 247 -2.11 20.61 32.41
CA GLN A 247 -2.30 21.68 33.41
C GLN A 247 -3.73 22.16 33.42
N LEU A 248 -4.36 22.21 32.24
CA LEU A 248 -5.77 22.59 32.20
C LEU A 248 -6.65 21.51 32.83
N VAL A 249 -6.32 20.23 32.58
CA VAL A 249 -7.09 19.17 33.22
C VAL A 249 -7.00 19.33 34.74
N GLN A 250 -5.83 19.73 35.23
CA GLN A 250 -5.70 19.93 36.69
C GLN A 250 -6.57 21.06 37.19
N ILE A 251 -6.66 22.17 36.44
CA ILE A 251 -7.51 23.28 36.85
C ILE A 251 -8.95 22.83 36.94
N ILE A 252 -9.39 22.06 35.94
CA ILE A 252 -10.78 21.63 35.94
C ILE A 252 -11.05 20.77 37.15
N LYS A 253 -10.14 19.85 37.47
CA LYS A 253 -10.33 18.98 38.62
C LYS A 253 -10.49 19.77 39.92
N LYS A 254 -9.88 20.95 40.01
CA LYS A 254 -9.82 21.68 41.26
C LYS A 254 -10.92 22.70 41.39
N THR A 255 -11.57 23.03 40.29
CA THR A 255 -12.51 24.12 40.20
C THR A 255 -13.89 23.71 39.76
N GLU A 256 -14.06 22.50 39.19
CA GLU A 256 -15.32 22.09 38.58
C GLU A 256 -15.85 20.83 39.28
N SER A 257 -16.67 21.02 40.30
CA SER A 257 -17.01 19.90 41.18
C SER A 257 -17.92 18.88 40.52
N ASP A 258 -18.61 19.26 39.44
CA ASP A 258 -19.62 18.42 38.82
C ASP A 258 -19.08 17.64 37.62
N ALA A 259 -17.77 17.77 37.34
CA ALA A 259 -17.12 17.09 36.25
C ALA A 259 -16.32 15.90 36.80
N ALA A 260 -16.31 14.81 36.07
CA ALA A 260 -15.62 13.61 36.51
C ALA A 260 -14.65 13.14 35.46
N LEU A 261 -13.55 12.51 35.90
CA LEU A 261 -12.49 12.06 35.00
C LEU A 261 -12.50 10.54 34.88
N HIS A 262 -12.61 10.04 33.64
CA HIS A 262 -12.66 8.61 33.43
C HIS A 262 -11.45 7.93 34.05
N PRO A 263 -11.62 6.75 34.68
CA PRO A 263 -10.51 6.16 35.45
C PRO A 263 -9.27 5.83 34.64
N LEU A 264 -9.40 5.43 33.37
CA LEU A 264 -8.20 5.22 32.56
C LEU A 264 -7.45 6.54 32.36
N LEU A 265 -8.19 7.63 32.14
CA LEU A 265 -7.53 8.92 31.98
C LEU A 265 -6.99 9.42 33.33
N GLN A 266 -7.59 9.00 34.45
CA GLN A 266 -7.00 9.36 35.76
C GLN A 266 -5.59 8.79 35.86
N GLU A 267 -5.45 7.49 35.53
CA GLU A 267 -4.17 6.80 35.59
C GLU A 267 -3.12 7.52 34.75
N ILE A 268 -3.52 7.95 33.56
CA ILE A 268 -2.54 8.55 32.66
C ILE A 268 -2.07 9.90 33.21
N TYR A 269 -3.00 10.74 33.66
CA TYR A 269 -2.65 12.10 34.09
C TYR A 269 -1.95 12.12 35.44
N ARG A 270 -2.27 11.18 36.33
CA ARG A 270 -1.71 11.17 37.69
C ARG A 270 -0.17 11.19 37.65
N ASP A 271 0.43 12.21 38.27
CA ASP A 271 1.89 12.30 38.38
C ASP A 271 2.57 12.45 37.02
N MET A 272 1.89 13.06 36.04
CA MET A 272 2.46 13.09 34.68
C MET A 272 3.53 14.18 34.54
N TYR A 273 3.12 15.44 34.61
CA TYR A 273 4.07 16.56 34.43
C TYR A 273 4.17 17.48 35.66
N THR B 2 3.12 0.68 37.73
CA THR B 2 2.22 -0.38 37.26
C THR B 2 1.09 -0.70 38.24
N GLU B 3 1.34 -0.53 39.53
CA GLU B 3 0.24 -0.64 40.49
C GLU B 3 -0.63 0.60 40.45
N ARG B 4 -0.09 1.72 39.98
CA ARG B 4 -0.86 2.95 39.83
C ARG B 4 -1.49 3.09 38.45
N HIS B 5 -1.19 2.18 37.52
CA HIS B 5 -1.81 2.13 36.19
C HIS B 5 -2.46 0.77 35.94
N LYS B 6 -3.46 0.42 36.74
CA LYS B 6 -4.01 -0.93 36.67
C LYS B 6 -4.72 -1.17 35.34
N ILE B 7 -5.48 -0.19 34.86
CA ILE B 7 -6.25 -0.40 33.64
C ILE B 7 -5.32 -0.49 32.44
N LEU B 8 -4.38 0.47 32.33
CA LEU B 8 -3.38 0.42 31.27
C LEU B 8 -2.57 -0.86 31.33
N HIS B 9 -2.19 -1.30 32.54
CA HIS B 9 -1.42 -2.54 32.69
C HIS B 9 -2.21 -3.74 32.20
N ARG B 10 -3.51 -3.74 32.45
CA ARG B 10 -4.35 -4.84 31.98
C ARG B 10 -4.47 -4.85 30.46
N LEU B 11 -4.54 -3.67 29.83
CA LEU B 11 -4.66 -3.64 28.38
C LEU B 11 -3.41 -4.22 27.72
N LEU B 12 -2.23 -3.94 28.30
CA LEU B 12 -0.99 -4.38 27.70
C LEU B 12 -0.76 -5.88 27.79
N GLN B 13 -1.45 -6.55 28.72
CA GLN B 13 -1.28 -7.98 28.95
C GLN B 13 -2.33 -8.84 28.24
N GLU B 14 -3.33 -8.22 27.63
CA GLU B 14 -4.37 -8.97 26.91
C GLU B 14 -3.84 -9.74 25.68
N HIS C 3 19.43 -27.81 1.07
CA HIS C 3 18.51 -28.30 2.07
C HIS C 3 17.04 -28.00 1.71
N MET C 4 16.60 -28.57 0.57
CA MET C 4 15.19 -28.55 0.21
C MET C 4 14.48 -29.76 0.81
N THR C 5 13.59 -29.50 1.77
CA THR C 5 12.72 -30.49 2.39
C THR C 5 11.54 -30.84 1.48
N ALA C 6 10.84 -31.91 1.84
CA ALA C 6 9.78 -32.44 0.98
C ALA C 6 8.69 -31.41 0.70
N ASP C 7 8.27 -30.68 1.72
CA ASP C 7 7.24 -29.66 1.54
C ASP C 7 7.73 -28.57 0.58
N LEU C 8 9.01 -28.23 0.62
CA LEU C 8 9.53 -27.22 -0.30
C LEU C 8 9.64 -27.78 -1.72
N LYS C 9 10.07 -29.04 -1.85
CA LYS C 9 10.12 -29.67 -3.16
C LYS C 9 8.73 -29.75 -3.77
N SER C 10 7.73 -29.98 -2.94
CA SER C 10 6.35 -30.14 -3.39
C SER C 10 5.75 -28.82 -3.87
N LEU C 11 6.00 -27.74 -3.13
CA LEU C 11 5.63 -26.39 -3.55
C LEU C 11 6.24 -26.07 -4.90
N ALA C 12 7.53 -26.35 -5.06
CA ALA C 12 8.20 -26.03 -6.32
C ALA C 12 7.56 -26.77 -7.49
N LYS C 13 7.23 -28.05 -7.28
CA LYS C 13 6.61 -28.84 -8.35
C LYS C 13 5.22 -28.33 -8.67
N ARG C 14 4.44 -27.99 -7.64
CA ARG C 14 3.10 -27.47 -7.86
C ARG C 14 3.17 -26.20 -8.72
N ILE C 15 4.13 -25.32 -8.44
CA ILE C 15 4.27 -24.07 -9.21
C ILE C 15 4.74 -24.35 -10.64
N TYR C 16 5.74 -25.22 -10.80
CA TYR C 16 6.22 -25.57 -12.15
C TYR C 16 5.10 -26.20 -12.97
N GLU C 17 4.31 -27.08 -12.35
CA GLU C 17 3.23 -27.72 -13.07
C GLU C 17 2.16 -26.73 -13.51
N ALA C 18 1.80 -25.80 -12.61
CA ALA C 18 0.87 -24.75 -12.97
C ALA C 18 1.43 -23.91 -14.12
N TYR C 19 2.74 -23.70 -14.12
CA TYR C 19 3.32 -22.90 -15.20
C TYR C 19 3.27 -23.65 -16.55
N LEU C 20 3.56 -24.94 -16.54
CA LEU C 20 3.53 -25.70 -17.81
C LEU C 20 2.11 -25.83 -18.33
N LYS C 21 1.15 -25.93 -17.43
CA LYS C 21 -0.25 -26.11 -17.78
C LYS C 21 -0.88 -24.83 -18.29
N ASN C 22 -0.45 -23.68 -17.78
CA ASN C 22 -1.19 -22.45 -18.03
C ASN C 22 -0.59 -21.59 -19.12
N PHE C 23 0.69 -21.71 -19.45
CA PHE C 23 1.27 -20.81 -20.43
C PHE C 23 1.45 -21.56 -21.73
N ASN C 24 0.74 -21.11 -22.75
CA ASN C 24 0.80 -21.78 -24.04
C ASN C 24 2.25 -21.89 -24.53
N MET C 25 3.02 -20.80 -24.43
CA MET C 25 4.39 -20.79 -24.88
C MET C 25 5.34 -20.72 -23.68
N ASN C 26 6.45 -21.44 -23.77
CA ASN C 26 7.42 -21.51 -22.69
C ASN C 26 8.81 -21.61 -23.33
N LYS C 27 9.86 -21.63 -22.49
CA LYS C 27 11.19 -21.38 -23.03
C LYS C 27 11.71 -22.56 -23.84
N VAL C 28 11.43 -23.78 -23.41
CA VAL C 28 11.97 -24.91 -24.14
C VAL C 28 11.42 -24.93 -25.57
N LYS C 29 10.10 -24.70 -25.73
CA LYS C 29 9.50 -24.63 -27.07
C LYS C 29 10.09 -23.48 -27.88
N ALA C 30 10.20 -22.31 -27.27
CA ALA C 30 10.63 -21.12 -28.00
C ALA C 30 12.07 -21.26 -28.47
N ARG C 31 12.92 -21.85 -27.62
CA ARG C 31 14.33 -21.93 -27.99
C ARG C 31 14.53 -22.87 -29.16
N VAL C 32 13.79 -23.98 -29.21
CA VAL C 32 13.85 -24.85 -30.40
C VAL C 32 13.48 -24.06 -31.65
N ILE C 33 12.34 -23.37 -31.62
CA ILE C 33 11.96 -22.60 -32.82
C ILE C 33 13.03 -21.59 -33.15
N LEU C 34 13.55 -20.91 -32.15
CA LEU C 34 14.51 -19.86 -32.46
C LEU C 34 15.87 -20.44 -32.86
N SER C 35 16.16 -21.68 -32.44
CA SER C 35 17.44 -22.27 -32.80
C SER C 35 17.46 -22.63 -34.28
N GLY C 36 16.33 -23.13 -34.79
CA GLY C 36 16.24 -23.59 -36.16
C GLY C 36 16.74 -25.00 -36.35
N LYS C 37 16.60 -25.84 -35.32
CA LYS C 37 17.28 -27.13 -35.23
C LYS C 37 16.36 -28.33 -35.38
N ALA C 38 15.14 -28.29 -34.83
CA ALA C 38 14.19 -29.39 -34.96
C ALA C 38 13.30 -29.30 -36.20
N SER C 39 13.38 -28.21 -36.96
CA SER C 39 12.57 -28.03 -38.16
C SER C 39 13.29 -27.10 -39.11
N ASN C 40 13.20 -27.41 -40.40
CA ASN C 40 13.64 -26.48 -41.41
C ASN C 40 12.50 -25.60 -41.91
N ASN C 41 11.41 -25.52 -41.15
CA ASN C 41 10.23 -24.70 -41.49
C ASN C 41 10.15 -23.55 -40.49
N PRO C 42 10.84 -22.45 -40.74
CA PRO C 42 10.93 -21.39 -39.74
C PRO C 42 9.64 -20.59 -39.67
N PRO C 43 9.47 -19.83 -38.60
CA PRO C 43 8.37 -18.87 -38.55
C PRO C 43 8.43 -17.90 -39.71
N PHE C 44 7.26 -17.40 -40.07
CA PHE C 44 7.16 -16.34 -41.07
C PHE C 44 7.77 -15.04 -40.47
N VAL C 45 8.65 -14.38 -41.21
CA VAL C 45 9.39 -13.24 -40.67
C VAL C 45 8.75 -11.96 -41.12
N ILE C 46 8.35 -11.14 -40.15
CA ILE C 46 7.82 -9.81 -40.41
C ILE C 46 8.94 -8.80 -40.21
N HIS C 47 9.47 -8.27 -41.30
CA HIS C 47 10.65 -7.43 -41.22
C HIS C 47 10.46 -6.09 -41.94
N ASP C 48 9.32 -5.87 -42.56
CA ASP C 48 9.05 -4.59 -43.19
C ASP C 48 7.55 -4.52 -43.43
N MET C 49 7.10 -3.41 -44.03
CA MET C 49 5.66 -3.24 -44.18
C MET C 49 5.06 -4.28 -45.11
N GLU C 50 5.78 -4.70 -46.15
CA GLU C 50 5.17 -5.63 -47.09
C GLU C 50 4.91 -6.98 -46.41
N THR C 51 5.90 -7.46 -45.63
CA THR C 51 5.70 -8.74 -44.95
C THR C 51 4.72 -8.59 -43.80
N LEU C 52 4.64 -7.42 -43.17
CA LEU C 52 3.57 -7.24 -42.21
C LEU C 52 2.21 -7.41 -42.89
N CYS C 53 1.99 -6.74 -44.03
CA CYS C 53 0.67 -6.88 -44.69
C CYS C 53 0.43 -8.32 -45.17
N MET C 54 1.47 -9.05 -45.55
CA MET C 54 1.28 -10.44 -45.90
C MET C 54 0.78 -11.22 -44.70
N ALA C 55 1.46 -11.06 -43.57
CA ALA C 55 1.01 -11.78 -42.37
C ALA C 55 -0.42 -11.41 -42.04
N GLU C 56 -0.79 -10.14 -42.26
CA GLU C 56 -2.14 -9.74 -41.90
C GLU C 56 -3.20 -10.35 -42.80
N LYS C 57 -2.80 -10.94 -43.94
CA LYS C 57 -3.77 -11.64 -44.77
C LYS C 57 -4.32 -12.85 -44.05
N THR C 58 -3.50 -13.48 -43.21
CA THR C 58 -3.91 -14.60 -42.38
C THR C 58 -4.79 -14.15 -41.23
N LEU C 59 -4.55 -12.95 -40.72
CA LEU C 59 -5.22 -12.41 -39.54
C LEU C 59 -6.46 -11.59 -39.88
N VAL C 60 -6.92 -11.62 -41.14
CA VAL C 60 -7.95 -10.67 -41.60
C VAL C 60 -9.26 -10.85 -40.82
N ALA C 61 -9.67 -12.09 -40.55
CA ALA C 61 -10.92 -12.29 -39.82
C ALA C 61 -10.87 -11.62 -38.45
N LYS C 62 -9.74 -11.73 -37.77
CA LYS C 62 -9.63 -11.13 -36.44
C LYS C 62 -9.57 -9.61 -36.54
N LEU C 63 -8.77 -9.07 -37.48
CA LEU C 63 -8.69 -7.63 -37.66
C LEU C 63 -10.05 -7.02 -38.01
N VAL C 64 -10.79 -7.64 -38.92
CA VAL C 64 -12.10 -7.09 -39.27
C VAL C 64 -13.03 -7.20 -38.08
N ALA C 65 -13.06 -8.36 -37.43
CA ALA C 65 -13.91 -8.54 -36.24
C ALA C 65 -13.74 -7.43 -35.22
N ASN C 66 -12.51 -6.94 -35.03
CA ASN C 66 -12.18 -5.87 -34.09
C ASN C 66 -12.16 -4.47 -34.73
N GLY C 67 -12.48 -4.34 -36.02
CA GLY C 67 -12.51 -3.03 -36.66
C GLY C 67 -11.16 -2.36 -36.74
N ILE C 68 -10.11 -3.17 -36.95
CA ILE C 68 -8.73 -2.69 -36.97
C ILE C 68 -8.13 -2.71 -38.36
N GLN C 69 -8.80 -3.31 -39.36
CA GLN C 69 -8.09 -3.68 -40.58
C GLN C 69 -7.58 -2.46 -41.34
N ASN C 70 -8.13 -1.28 -41.08
CA ASN C 70 -7.74 -0.06 -41.82
C ASN C 70 -7.08 0.99 -40.95
N LYS C 71 -6.69 0.66 -39.71
CA LYS C 71 -5.89 1.58 -38.92
C LYS C 71 -4.48 1.64 -39.47
N GLU C 72 -3.76 2.65 -39.02
CA GLU C 72 -2.33 2.75 -39.31
C GLU C 72 -1.59 1.46 -38.88
N ALA C 73 -0.54 1.09 -39.60
CA ALA C 73 0.20 -0.15 -39.30
C ALA C 73 0.64 -0.23 -37.83
N GLU C 74 1.26 0.84 -37.33
CA GLU C 74 1.66 0.90 -35.93
C GLU C 74 0.52 0.55 -35.00
N VAL C 75 -0.69 1.05 -35.26
CA VAL C 75 -1.84 0.79 -34.41
C VAL C 75 -2.30 -0.68 -34.55
N ARG C 76 -2.33 -1.21 -35.79
CA ARG C 76 -2.64 -2.63 -35.98
C ARG C 76 -1.64 -3.52 -35.25
N ILE C 77 -0.35 -3.22 -35.37
CA ILE C 77 0.65 -4.09 -34.74
C ILE C 77 0.38 -4.15 -33.24
N PHE C 78 0.15 -2.99 -32.63
CA PHE C 78 0.03 -3.07 -31.16
C PHE C 78 -1.38 -3.43 -30.70
N HIS C 79 -2.37 -3.40 -31.59
CA HIS C 79 -3.63 -4.05 -31.27
C HIS C 79 -3.40 -5.55 -31.06
N CYS C 80 -2.70 -6.18 -31.99
CA CYS C 80 -2.45 -7.61 -31.86
C CYS C 80 -1.59 -7.88 -30.63
N CYS C 81 -0.63 -7.01 -30.35
CA CYS C 81 0.20 -7.20 -29.15
C CYS C 81 -0.64 -7.10 -27.88
N GLN C 82 -1.55 -6.11 -27.80
CA GLN C 82 -2.54 -6.08 -26.73
C GLN C 82 -3.30 -7.38 -26.62
N CYS C 83 -3.75 -7.96 -27.74
CA CYS C 83 -4.52 -9.20 -27.65
C CYS C 83 -3.72 -10.28 -26.96
N THR C 84 -2.42 -10.36 -27.31
CA THR C 84 -1.55 -11.33 -26.66
C THR C 84 -1.39 -11.02 -25.17
N SER C 85 -1.21 -9.73 -24.83
CA SER C 85 -1.14 -9.39 -23.40
C SER C 85 -2.39 -9.83 -22.65
N VAL C 86 -3.57 -9.60 -23.24
CA VAL C 86 -4.81 -10.02 -22.59
C VAL C 86 -4.78 -11.52 -22.35
N GLU C 87 -4.30 -12.28 -23.33
N GLU C 87 -4.31 -12.28 -23.33
CA GLU C 87 -4.19 -13.73 -23.18
CA GLU C 87 -4.21 -13.73 -23.13
C GLU C 87 -3.28 -14.08 -22.01
C GLU C 87 -3.29 -14.06 -21.97
N THR C 88 -2.11 -13.44 -21.93
CA THR C 88 -1.14 -13.75 -20.87
C THR C 88 -1.63 -13.29 -19.51
N VAL C 89 -2.33 -12.16 -19.42
CA VAL C 89 -2.95 -11.78 -18.14
C VAL C 89 -3.92 -12.86 -17.68
N THR C 90 -4.73 -13.41 -18.61
CA THR C 90 -5.71 -14.44 -18.28
C THR C 90 -5.02 -15.70 -17.80
N GLU C 91 -3.90 -16.06 -18.45
CA GLU C 91 -3.12 -17.23 -18.02
C GLU C 91 -2.45 -16.99 -16.67
N LEU C 92 -1.88 -15.78 -16.46
CA LEU C 92 -1.28 -15.46 -15.15
C LEU C 92 -2.30 -15.50 -14.03
N THR C 93 -3.55 -15.10 -14.33
CA THR C 93 -4.57 -15.16 -13.29
C THR C 93 -4.84 -16.61 -12.90
N GLU C 94 -4.91 -17.52 -13.88
CA GLU C 94 -5.07 -18.94 -13.51
C GLU C 94 -3.82 -19.50 -12.84
N PHE C 95 -2.66 -19.11 -13.33
CA PHE C 95 -1.43 -19.52 -12.66
C PHE C 95 -1.41 -19.08 -11.20
N ALA C 96 -1.78 -17.81 -10.92
CA ALA C 96 -1.70 -17.29 -9.56
C ALA C 96 -2.64 -18.06 -8.63
N LYS C 97 -3.86 -18.38 -9.13
CA LYS C 97 -4.85 -19.11 -8.33
C LYS C 97 -4.35 -20.48 -7.89
N ALA C 98 -3.31 -20.99 -8.52
CA ALA C 98 -2.69 -22.27 -8.19
C ALA C 98 -1.47 -22.15 -7.28
N ILE C 99 -1.03 -20.95 -6.96
CA ILE C 99 0.06 -20.75 -6.00
C ILE C 99 -0.55 -20.96 -4.61
N PRO C 100 -0.09 -21.91 -3.81
CA PRO C 100 -0.68 -22.08 -2.47
C PRO C 100 -0.71 -20.80 -1.64
N GLY C 101 -1.88 -20.47 -1.12
CA GLY C 101 -2.07 -19.27 -0.36
C GLY C 101 -2.69 -18.14 -1.13
N PHE C 102 -2.59 -18.14 -2.48
CA PHE C 102 -3.05 -16.96 -3.22
C PHE C 102 -4.58 -16.85 -3.17
N ALA C 103 -5.28 -17.95 -3.46
CA ALA C 103 -6.73 -17.86 -3.56
C ALA C 103 -7.38 -17.65 -2.19
N ASN C 104 -6.62 -17.84 -1.11
CA ASN C 104 -7.07 -17.55 0.26
C ASN C 104 -7.08 -16.06 0.60
N LEU C 105 -6.38 -15.22 -0.18
CA LEU C 105 -6.29 -13.82 0.18
C LEU C 105 -7.64 -13.13 -0.05
N ASP C 106 -7.82 -11.98 0.63
CA ASP C 106 -8.91 -11.08 0.31
C ASP C 106 -8.91 -10.77 -1.19
N LEU C 107 -10.10 -10.75 -1.80
CA LEU C 107 -10.14 -10.56 -3.26
C LEU C 107 -9.53 -9.22 -3.67
N ASN C 108 -9.58 -8.22 -2.81
CA ASN C 108 -8.95 -6.95 -3.12
C ASN C 108 -7.44 -7.11 -3.27
N ASP C 109 -6.82 -7.90 -2.38
CA ASP C 109 -5.39 -8.14 -2.46
C ASP C 109 -5.04 -9.01 -3.68
N GLN C 110 -5.86 -10.04 -3.98
CA GLN C 110 -5.63 -10.78 -5.24
C GLN C 110 -5.63 -9.82 -6.42
N VAL C 111 -6.60 -8.91 -6.48
CA VAL C 111 -6.65 -7.94 -7.57
C VAL C 111 -5.40 -7.08 -7.57
N THR C 112 -5.02 -6.57 -6.38
CA THR C 112 -3.86 -5.68 -6.32
C THR C 112 -2.58 -6.40 -6.77
N LEU C 113 -2.41 -7.64 -6.32
CA LEU C 113 -1.19 -8.38 -6.68
C LEU C 113 -1.11 -8.57 -8.18
N LEU C 114 -2.23 -8.94 -8.82
CA LEU C 114 -2.16 -9.12 -10.27
C LEU C 114 -2.04 -7.80 -10.99
N LYS C 115 -2.74 -6.77 -10.51
CA LYS C 115 -2.68 -5.45 -11.15
C LYS C 115 -1.23 -4.99 -11.33
N TYR C 116 -0.44 -5.05 -10.25
CA TYR C 116 0.96 -4.61 -10.32
C TYR C 116 1.89 -5.69 -10.81
N GLY C 117 1.56 -6.95 -10.60
CA GLY C 117 2.55 -7.94 -10.97
C GLY C 117 2.47 -8.47 -12.40
N VAL C 118 1.32 -8.38 -13.08
CA VAL C 118 1.20 -9.11 -14.37
C VAL C 118 2.18 -8.58 -15.40
N TYR C 119 2.42 -7.24 -15.48
CA TYR C 119 3.34 -6.82 -16.53
C TYR C 119 4.80 -7.05 -16.19
N GLU C 120 5.16 -7.16 -14.91
CA GLU C 120 6.52 -7.59 -14.59
C GLU C 120 6.70 -9.04 -15.06
N ALA C 121 5.68 -9.88 -14.81
CA ALA C 121 5.76 -11.27 -15.26
C ALA C 121 5.78 -11.35 -16.79
N ILE C 122 4.93 -10.57 -17.43
CA ILE C 122 4.87 -10.57 -18.91
C ILE C 122 6.24 -10.24 -19.51
N PHE C 123 6.91 -9.18 -19.04
CA PHE C 123 8.19 -8.81 -19.66
C PHE C 123 9.30 -9.79 -19.27
N ALA C 124 9.22 -10.43 -18.08
CA ALA C 124 10.16 -11.50 -17.81
C ALA C 124 9.94 -12.66 -18.76
N MET C 125 8.69 -13.07 -18.92
CA MET C 125 8.45 -14.23 -19.78
C MET C 125 8.65 -13.91 -21.25
N LEU C 126 8.43 -12.67 -21.65
CA LEU C 126 8.64 -12.31 -23.07
C LEU C 126 10.08 -12.57 -23.49
N SER C 127 11.03 -12.47 -22.53
CA SER C 127 12.44 -12.71 -22.84
C SER C 127 12.65 -14.10 -23.45
N SER C 128 11.85 -15.06 -23.02
CA SER C 128 11.93 -16.44 -23.52
C SER C 128 11.69 -16.52 -25.02
N VAL C 129 10.87 -15.64 -25.57
CA VAL C 129 10.58 -15.69 -27.02
C VAL C 129 11.34 -14.62 -27.78
N MET C 130 12.37 -14.03 -27.17
CA MET C 130 13.18 -13.00 -27.83
C MET C 130 14.62 -13.45 -28.08
N ASN C 131 15.17 -13.12 -29.24
CA ASN C 131 16.62 -13.15 -29.36
C ASN C 131 17.08 -11.77 -29.80
N LYS C 132 18.37 -11.62 -30.10
CA LYS C 132 18.87 -10.27 -30.33
C LYS C 132 18.29 -9.63 -31.60
N ASP C 133 17.64 -10.43 -32.45
CA ASP C 133 17.13 -9.94 -33.73
C ASP C 133 15.61 -9.80 -33.81
N GLY C 134 14.85 -10.27 -32.82
CA GLY C 134 13.41 -10.21 -32.98
C GLY C 134 12.71 -11.05 -31.94
N MET C 135 11.38 -11.14 -32.09
CA MET C 135 10.60 -11.88 -31.11
C MET C 135 9.56 -12.76 -31.78
N LEU C 136 9.30 -13.94 -31.21
CA LEU C 136 8.22 -14.78 -31.74
C LEU C 136 6.87 -14.16 -31.45
N VAL C 137 5.95 -14.28 -32.41
CA VAL C 137 4.54 -13.92 -32.22
C VAL C 137 3.67 -15.06 -32.72
N ALA C 138 2.38 -15.00 -32.37
CA ALA C 138 1.38 -15.97 -32.86
C ALA C 138 1.76 -17.41 -32.51
N TYR C 139 1.98 -17.66 -31.21
CA TYR C 139 2.35 -18.99 -30.70
C TYR C 139 3.52 -19.61 -31.45
N GLY C 140 4.55 -18.80 -31.71
CA GLY C 140 5.79 -19.23 -32.27
C GLY C 140 5.76 -19.36 -33.79
N ASN C 141 4.68 -18.93 -34.42
CA ASN C 141 4.52 -19.10 -35.88
C ASN C 141 5.05 -17.92 -36.69
N GLY C 142 5.24 -16.76 -36.05
CA GLY C 142 5.76 -15.58 -36.71
C GLY C 142 6.93 -15.05 -35.92
N PHE C 143 7.71 -14.20 -36.58
CA PHE C 143 8.89 -13.62 -35.92
C PHE C 143 8.98 -12.20 -36.41
N ILE C 144 8.75 -11.24 -35.50
CA ILE C 144 8.80 -9.82 -35.89
C ILE C 144 10.17 -9.29 -35.52
N THR C 145 10.83 -8.63 -36.48
CA THR C 145 12.22 -8.26 -36.20
C THR C 145 12.32 -7.03 -35.33
N ARG C 146 13.37 -7.02 -34.52
CA ARG C 146 13.68 -5.87 -33.67
C ARG C 146 13.91 -4.60 -34.49
N GLU C 147 14.54 -4.71 -35.66
CA GLU C 147 14.81 -3.51 -36.47
C GLU C 147 13.53 -2.98 -37.10
N PHE C 148 12.61 -3.85 -37.54
CA PHE C 148 11.33 -3.36 -37.99
C PHE C 148 10.61 -2.59 -36.90
N LEU C 149 10.56 -3.14 -35.66
CA LEU C 149 9.91 -2.38 -34.59
C LEU C 149 10.56 -1.01 -34.38
N LYS C 150 11.90 -0.94 -34.43
CA LYS C 150 12.60 0.35 -34.28
C LYS C 150 12.34 1.32 -35.42
N SER C 151 11.84 0.82 -36.57
CA SER C 151 11.60 1.63 -37.77
C SER C 151 10.25 2.30 -37.74
N LEU C 152 9.38 1.90 -36.80
CA LEU C 152 8.07 2.48 -36.74
C LEU C 152 8.21 3.93 -36.34
N ARG C 153 7.14 4.68 -36.52
CA ARG C 153 7.20 6.09 -36.18
C ARG C 153 7.15 6.25 -34.67
N LYS C 154 7.72 7.35 -34.21
CA LYS C 154 7.56 7.71 -32.81
C LYS C 154 6.07 7.87 -32.51
N PRO C 155 5.58 7.44 -31.32
CA PRO C 155 6.35 6.86 -30.20
C PRO C 155 6.39 5.31 -30.25
N PHE C 156 5.78 4.72 -31.25
CA PHE C 156 5.61 3.27 -31.28
C PHE C 156 6.94 2.53 -31.39
N CYS C 157 7.96 3.15 -32.00
CA CYS C 157 9.30 2.56 -32.09
C CYS C 157 10.00 2.51 -30.73
N ASP C 158 9.50 3.24 -29.76
CA ASP C 158 10.14 3.23 -28.46
C ASP C 158 9.53 2.21 -27.51
N ILE C 159 8.50 1.46 -27.92
CA ILE C 159 7.79 0.54 -26.99
C ILE C 159 8.61 -0.72 -26.72
N MET C 160 8.99 -1.44 -27.78
CA MET C 160 9.54 -2.77 -27.54
C MET C 160 11.04 -2.73 -27.27
N GLU C 161 11.77 -1.74 -27.78
CA GLU C 161 13.23 -1.85 -27.68
C GLU C 161 13.73 -1.96 -26.23
N PRO C 162 13.20 -1.26 -25.23
CA PRO C 162 13.71 -1.47 -23.87
C PRO C 162 13.43 -2.88 -23.38
N LYS C 163 12.39 -3.53 -23.91
CA LYS C 163 12.12 -4.89 -23.45
C LYS C 163 13.15 -5.85 -24.03
N PHE C 164 13.53 -5.65 -25.33
CA PHE C 164 14.66 -6.40 -25.89
C PHE C 164 15.92 -6.18 -25.07
N ASP C 165 16.15 -4.95 -24.64
CA ASP C 165 17.37 -4.63 -23.90
C ASP C 165 17.39 -5.42 -22.60
N PHE C 166 16.24 -5.45 -21.92
CA PHE C 166 16.12 -6.22 -20.69
C PHE C 166 16.29 -7.71 -20.96
N ALA C 167 15.64 -8.21 -22.02
CA ALA C 167 15.67 -9.63 -22.29
C ALA C 167 17.06 -10.13 -22.63
N MET C 168 17.88 -9.30 -23.32
CA MET C 168 19.18 -9.81 -23.70
C MET C 168 20.03 -10.07 -22.46
N LYS C 169 19.94 -9.19 -21.46
CA LYS C 169 20.65 -9.44 -20.21
C LYS C 169 19.99 -10.55 -19.38
N PHE C 170 18.66 -10.60 -19.36
CA PHE C 170 17.96 -11.65 -18.63
C PHE C 170 18.29 -13.04 -19.21
N ASN C 171 18.30 -13.16 -20.55
CA ASN C 171 18.59 -14.44 -21.14
C ASN C 171 20.03 -14.89 -20.89
N ALA C 172 20.93 -13.94 -20.70
CA ALA C 172 22.30 -14.29 -20.37
C ALA C 172 22.41 -15.08 -19.06
N LEU C 173 21.37 -15.02 -18.22
CA LEU C 173 21.38 -15.84 -17.00
C LEU C 173 21.04 -17.30 -17.24
N GLU C 174 20.54 -17.64 -18.43
N GLU C 174 20.56 -17.66 -18.42
CA GLU C 174 20.30 -19.02 -18.85
CA GLU C 174 20.35 -19.05 -18.80
C GLU C 174 19.34 -19.74 -17.91
C GLU C 174 19.34 -19.76 -17.89
N LEU C 175 18.25 -19.07 -17.54
CA LEU C 175 17.22 -19.75 -16.73
C LEU C 175 16.49 -20.80 -17.58
N ASP C 176 15.97 -21.82 -16.93
CA ASP C 176 15.04 -22.71 -17.60
C ASP C 176 13.64 -22.48 -17.05
N ASP C 177 12.66 -23.22 -17.59
CA ASP C 177 11.27 -23.03 -17.18
C ASP C 177 11.05 -23.30 -15.70
N SER C 178 11.79 -24.26 -15.13
CA SER C 178 11.59 -24.53 -13.71
C SER C 178 12.03 -23.31 -12.88
N ASP C 179 13.10 -22.62 -13.31
CA ASP C 179 13.48 -21.37 -12.64
C ASP C 179 12.44 -20.28 -12.87
N ILE C 180 11.99 -20.12 -14.12
CA ILE C 180 11.13 -18.98 -14.45
C ILE C 180 9.80 -19.13 -13.71
N SER C 181 9.31 -20.38 -13.54
CA SER C 181 8.01 -20.54 -12.87
C SER C 181 8.07 -19.97 -11.45
N LEU C 182 9.16 -20.24 -10.75
CA LEU C 182 9.29 -19.74 -9.37
C LEU C 182 9.54 -18.24 -9.35
N PHE C 183 10.33 -17.74 -10.30
CA PHE C 183 10.55 -16.29 -10.44
C PHE C 183 9.23 -15.56 -10.64
N VAL C 184 8.40 -16.08 -11.56
CA VAL C 184 7.10 -15.48 -11.81
C VAL C 184 6.21 -15.55 -10.58
N ALA C 185 6.23 -16.70 -9.87
CA ALA C 185 5.45 -16.76 -8.63
C ALA C 185 5.92 -15.70 -7.62
N ALA C 186 7.24 -15.47 -7.53
CA ALA C 186 7.73 -14.49 -6.55
C ALA C 186 7.35 -13.06 -6.97
N ILE C 187 7.31 -12.79 -8.28
CA ILE C 187 6.85 -11.47 -8.73
C ILE C 187 5.40 -11.25 -8.31
N ILE C 188 4.56 -12.26 -8.52
CA ILE C 188 3.14 -12.07 -8.20
C ILE C 188 2.95 -11.91 -6.70
N CYS C 189 3.71 -12.62 -5.91
CA CYS C 189 3.48 -12.68 -4.46
C CYS C 189 4.30 -11.62 -3.73
N CYS C 190 4.25 -10.39 -4.20
CA CYS C 190 5.13 -9.32 -3.75
C CYS C 190 4.38 -8.51 -2.70
N GLY C 191 4.93 -8.43 -1.48
CA GLY C 191 4.31 -7.76 -0.35
C GLY C 191 4.35 -6.23 -0.38
N ASP C 192 4.97 -5.63 -1.38
CA ASP C 192 5.21 -4.19 -1.40
C ASP C 192 4.23 -3.42 -2.28
N ARG C 193 3.21 -4.06 -2.83
CA ARG C 193 2.38 -3.35 -3.80
C ARG C 193 1.50 -2.30 -3.13
N PRO C 194 1.24 -1.20 -3.83
CA PRO C 194 0.40 -0.14 -3.27
C PRO C 194 -1.00 -0.65 -2.95
N GLY C 195 -1.46 -0.37 -1.72
CA GLY C 195 -2.85 -0.63 -1.40
C GLY C 195 -3.13 -2.01 -0.86
N LEU C 196 -2.12 -2.86 -0.73
CA LEU C 196 -2.37 -4.16 -0.10
C LEU C 196 -2.88 -3.96 1.32
N LEU C 197 -3.86 -4.79 1.69
CA LEU C 197 -4.49 -4.78 3.01
C LEU C 197 -3.71 -5.65 3.98
N ASN C 198 -3.54 -6.93 3.64
CA ASN C 198 -2.97 -7.89 4.60
C ASN C 198 -1.50 -8.11 4.31
N VAL C 199 -0.71 -7.06 4.60
CA VAL C 199 0.69 -7.03 4.19
C VAL C 199 1.49 -8.11 4.89
N GLY C 200 1.40 -8.18 6.23
CA GLY C 200 2.14 -9.22 6.93
C GLY C 200 1.86 -10.63 6.42
N HIS C 201 0.60 -10.93 6.13
CA HIS C 201 0.28 -12.26 5.62
C HIS C 201 0.90 -12.49 4.24
N ILE C 202 0.79 -11.51 3.35
CA ILE C 202 1.36 -11.68 2.00
C ILE C 202 2.87 -11.76 2.09
N GLU C 203 3.49 -11.02 3.02
CA GLU C 203 4.93 -11.13 3.17
C GLU C 203 5.35 -12.54 3.55
N LYS C 204 4.57 -13.20 4.42
CA LYS C 204 4.91 -14.56 4.81
C LYS C 204 4.80 -15.52 3.63
N MET C 205 3.77 -15.36 2.81
CA MET C 205 3.62 -16.18 1.60
C MET C 205 4.79 -15.94 0.63
N GLN C 206 5.12 -14.67 0.40
CA GLN C 206 6.27 -14.27 -0.41
C GLN C 206 7.54 -14.91 0.09
N GLU C 207 7.77 -14.88 1.42
CA GLU C 207 9.01 -15.42 1.96
C GLU C 207 9.13 -16.90 1.65
N GLY C 208 8.02 -17.64 1.75
CA GLY C 208 8.06 -19.08 1.43
C GLY C 208 8.39 -19.35 -0.02
N ILE C 209 7.86 -18.55 -0.92
CA ILE C 209 8.14 -18.71 -2.36
C ILE C 209 9.57 -18.31 -2.66
N VAL C 210 10.02 -17.19 -2.07
CA VAL C 210 11.39 -16.71 -2.33
C VAL C 210 12.41 -17.69 -1.74
N HIS C 211 12.08 -18.33 -0.63
CA HIS C 211 12.95 -19.35 -0.07
C HIS C 211 13.11 -20.53 -1.03
N VAL C 212 12.00 -21.04 -1.56
CA VAL C 212 12.06 -22.12 -2.54
C VAL C 212 12.80 -21.66 -3.80
N LEU C 213 12.54 -20.44 -4.28
CA LEU C 213 13.31 -19.95 -5.43
C LEU C 213 14.82 -19.98 -5.14
N ARG C 214 15.23 -19.46 -3.98
CA ARG C 214 16.68 -19.41 -3.72
C ARG C 214 17.27 -20.82 -3.68
N LEU C 215 16.69 -21.72 -2.88
CA LEU C 215 17.25 -23.07 -2.78
C LEU C 215 17.20 -23.79 -4.16
N HIS C 216 16.15 -23.54 -4.95
CA HIS C 216 16.09 -24.16 -6.29
C HIS C 216 17.23 -23.67 -7.18
N LEU C 217 17.47 -22.35 -7.20
CA LEU C 217 18.57 -21.81 -8.01
C LEU C 217 19.91 -22.34 -7.53
N GLN C 218 20.11 -22.46 -6.20
CA GLN C 218 21.38 -22.99 -5.71
C GLN C 218 21.61 -24.42 -6.19
N SER C 219 20.55 -25.23 -6.32
CA SER C 219 20.64 -26.62 -6.75
C SER C 219 20.75 -26.74 -8.27
N ASN C 220 19.92 -25.99 -8.98
CA ASN C 220 19.82 -26.05 -10.44
C ASN C 220 20.95 -25.31 -11.14
N HIS C 221 21.54 -24.28 -10.51
CA HIS C 221 22.60 -23.49 -11.11
C HIS C 221 23.77 -23.38 -10.13
N PRO C 222 24.38 -24.50 -9.77
CA PRO C 222 25.38 -24.46 -8.70
C PRO C 222 26.62 -23.64 -9.04
N ASP C 223 26.89 -23.37 -10.29
CA ASP C 223 28.08 -22.62 -10.69
C ASP C 223 27.79 -21.16 -11.00
N ASP C 224 26.60 -20.66 -10.67
CA ASP C 224 26.26 -19.25 -10.73
C ASP C 224 25.87 -18.89 -9.29
N ILE C 225 26.88 -18.61 -8.48
CA ILE C 225 26.64 -18.69 -7.03
C ILE C 225 25.65 -17.61 -6.59
N PHE C 226 25.76 -16.42 -7.17
CA PHE C 226 24.91 -15.29 -6.81
C PHE C 226 23.75 -15.12 -7.77
N LEU C 227 23.30 -16.22 -8.37
CA LEU C 227 22.18 -16.08 -9.31
C LEU C 227 20.93 -15.56 -8.61
N PHE C 228 20.71 -15.95 -7.35
CA PHE C 228 19.53 -15.45 -6.66
C PHE C 228 19.60 -13.95 -6.46
N PRO C 229 20.69 -13.36 -5.97
CA PRO C 229 20.73 -11.89 -5.85
C PRO C 229 20.65 -11.19 -7.20
N LYS C 230 21.24 -11.78 -8.24
CA LYS C 230 21.06 -11.20 -9.57
C LYS C 230 19.58 -11.11 -9.93
N LEU C 231 18.83 -12.16 -9.62
CA LEU C 231 17.40 -12.15 -9.97
C LEU C 231 16.62 -11.21 -9.06
N LEU C 232 17.02 -11.03 -7.79
CA LEU C 232 16.39 -9.99 -7.00
C LEU C 232 16.59 -8.63 -7.64
N GLN C 233 17.80 -8.37 -8.19
CA GLN C 233 17.98 -7.14 -8.97
C GLN C 233 17.12 -7.13 -10.24
N LYS C 234 16.98 -8.26 -10.92
CA LYS C 234 16.10 -8.27 -12.10
C LYS C 234 14.66 -7.94 -11.72
N MET C 235 14.20 -8.34 -10.54
CA MET C 235 12.85 -7.96 -10.13
C MET C 235 12.71 -6.46 -10.01
N ALA C 236 13.71 -5.81 -9.42
CA ALA C 236 13.72 -4.36 -9.36
C ALA C 236 13.76 -3.73 -10.74
N ASP C 237 14.58 -4.27 -11.62
CA ASP C 237 14.65 -3.76 -13.00
C ASP C 237 13.30 -3.87 -13.70
N LEU C 238 12.56 -4.98 -13.45
CA LEU C 238 11.25 -5.12 -14.11
C LEU C 238 10.24 -4.13 -13.56
N ARG C 239 10.29 -3.85 -12.25
CA ARG C 239 9.40 -2.81 -11.73
C ARG C 239 9.63 -1.46 -12.42
N GLN C 240 10.87 -1.07 -12.63
CA GLN C 240 11.16 0.17 -13.32
C GLN C 240 10.80 0.08 -14.81
N LEU C 241 11.03 -1.08 -15.45
CA LEU C 241 10.63 -1.27 -16.84
C LEU C 241 9.13 -1.05 -16.99
N VAL C 242 8.34 -1.60 -16.06
CA VAL C 242 6.90 -1.45 -16.13
C VAL C 242 6.50 0.00 -15.89
N THR C 243 7.11 0.61 -14.87
CA THR C 243 6.77 1.99 -14.56
C THR C 243 7.00 2.87 -15.80
N GLU C 244 8.11 2.63 -16.48
CA GLU C 244 8.39 3.37 -17.73
C GLU C 244 7.43 3.02 -18.84
N HIS C 245 7.06 1.74 -18.94
CA HIS C 245 6.10 1.32 -19.97
C HIS C 245 4.73 1.96 -19.74
N ALA C 246 4.29 2.01 -18.48
CA ALA C 246 3.02 2.67 -18.17
C ALA C 246 3.06 4.17 -18.55
N GLN C 247 4.19 4.82 -18.40
CA GLN C 247 4.25 6.24 -18.80
C GLN C 247 4.10 6.38 -20.32
N LEU C 248 4.66 5.44 -21.09
CA LEU C 248 4.50 5.44 -22.56
C LEU C 248 3.06 5.11 -22.98
N VAL C 249 2.38 4.17 -22.31
CA VAL C 249 0.98 3.90 -22.58
C VAL C 249 0.17 5.17 -22.33
N GLN C 250 0.54 5.94 -21.32
CA GLN C 250 -0.26 7.13 -21.05
C GLN C 250 -0.02 8.21 -22.12
N ILE C 251 1.21 8.33 -22.59
CA ILE C 251 1.50 9.24 -23.70
C ILE C 251 0.66 8.86 -24.92
N ILE C 252 0.61 7.57 -25.23
CA ILE C 252 -0.21 7.12 -26.37
C ILE C 252 -1.66 7.47 -26.14
N LYS C 253 -2.17 7.23 -24.93
CA LYS C 253 -3.56 7.53 -24.62
C LYS C 253 -3.85 9.02 -24.83
N LYS C 254 -2.89 9.89 -24.46
CA LYS C 254 -3.13 11.33 -24.50
C LYS C 254 -2.84 11.97 -25.85
N THR C 255 -2.09 11.30 -26.73
CA THR C 255 -1.67 11.92 -27.97
C THR C 255 -2.05 11.15 -29.23
N GLU C 256 -2.73 10.00 -29.15
CA GLU C 256 -3.00 9.17 -30.33
C GLU C 256 -4.49 8.84 -30.42
N SER C 257 -5.24 9.58 -31.24
CA SER C 257 -6.70 9.52 -31.16
C SER C 257 -7.34 8.24 -31.71
N ASP C 258 -6.64 7.52 -32.58
N ASP C 258 -6.63 7.52 -32.57
CA ASP C 258 -7.25 6.38 -33.26
CA ASP C 258 -7.21 6.39 -33.29
C ASP C 258 -6.90 5.03 -32.64
C ASP C 258 -6.80 5.04 -32.73
N ALA C 259 -5.97 5.02 -31.69
CA ALA C 259 -5.56 3.80 -31.00
C ALA C 259 -6.40 3.56 -29.75
N ALA C 260 -6.78 2.30 -29.53
CA ALA C 260 -7.71 1.96 -28.47
C ALA C 260 -7.06 0.94 -27.53
N LEU C 261 -7.38 1.07 -26.24
CA LEU C 261 -6.81 0.17 -25.22
C LEU C 261 -7.83 -0.88 -24.80
N HIS C 262 -7.44 -2.15 -24.80
CA HIS C 262 -8.38 -3.23 -24.48
C HIS C 262 -8.92 -3.04 -23.07
N PRO C 263 -10.18 -3.38 -22.83
CA PRO C 263 -10.81 -3.04 -21.54
C PRO C 263 -10.14 -3.67 -20.32
N LEU C 264 -9.67 -4.91 -20.41
CA LEU C 264 -8.95 -5.51 -19.29
C LEU C 264 -7.64 -4.80 -19.03
N LEU C 265 -6.93 -4.37 -20.10
CA LEU C 265 -5.71 -3.61 -19.89
C LEU C 265 -6.00 -2.21 -19.32
N GLN C 266 -7.15 -1.62 -19.64
N GLN C 266 -7.15 -1.64 -19.70
CA GLN C 266 -7.43 -0.33 -19.02
CA GLN C 266 -7.62 -0.40 -19.09
C GLN C 266 -7.65 -0.48 -17.52
C GLN C 266 -7.66 -0.50 -17.57
N GLU C 267 -8.26 -1.58 -17.07
CA GLU C 267 -8.38 -1.77 -15.63
C GLU C 267 -7.00 -1.83 -15.01
N ILE C 268 -6.08 -2.55 -15.65
CA ILE C 268 -4.76 -2.73 -15.07
C ILE C 268 -4.04 -1.41 -14.98
N TYR C 269 -4.07 -0.61 -16.06
CA TYR C 269 -3.25 0.58 -16.06
C TYR C 269 -3.88 1.72 -15.29
N ARG C 270 -5.19 1.71 -15.13
CA ARG C 270 -5.83 2.85 -14.46
C ARG C 270 -5.28 3.04 -13.05
N ASP C 271 -4.77 4.24 -12.76
CA ASP C 271 -4.26 4.59 -11.43
C ASP C 271 -3.05 3.76 -11.02
N MET C 272 -2.23 3.28 -11.96
CA MET C 272 -1.23 2.30 -11.52
C MET C 272 0.00 2.98 -10.92
N TYR C 273 0.72 3.77 -11.70
CA TYR C 273 1.92 4.47 -11.21
C TYR C 273 1.79 5.98 -11.42
N THR D 2 -11.84 -3.26 -6.74
CA THR D 2 -12.68 -4.40 -7.15
C THR D 2 -13.89 -3.97 -8.00
N GLU D 3 -14.54 -2.86 -7.63
CA GLU D 3 -15.52 -2.27 -8.54
C GLU D 3 -14.83 -1.65 -9.75
N ARG D 4 -13.58 -1.19 -9.56
CA ARG D 4 -12.77 -0.58 -10.62
C ARG D 4 -12.03 -1.61 -11.49
N HIS D 5 -12.04 -2.89 -11.10
CA HIS D 5 -11.38 -3.98 -11.84
C HIS D 5 -12.38 -5.12 -12.08
N LYS D 6 -13.50 -4.79 -12.74
CA LYS D 6 -14.59 -5.76 -12.90
C LYS D 6 -14.18 -7.01 -13.67
N ILE D 7 -13.42 -6.83 -14.75
CA ILE D 7 -13.07 -7.99 -15.58
C ILE D 7 -12.08 -8.87 -14.83
N LEU D 8 -11.05 -8.24 -14.27
CA LEU D 8 -10.06 -9.01 -13.50
C LEU D 8 -10.73 -9.68 -12.29
N HIS D 9 -11.65 -8.98 -11.64
CA HIS D 9 -12.40 -9.61 -10.55
C HIS D 9 -13.17 -10.83 -11.04
N ARG D 10 -13.83 -10.75 -12.20
CA ARG D 10 -14.53 -11.94 -12.70
C ARG D 10 -13.57 -13.07 -13.02
N LEU D 11 -12.40 -12.76 -13.59
CA LEU D 11 -11.43 -13.83 -13.86
C LEU D 11 -11.02 -14.53 -12.57
N LEU D 12 -10.86 -13.76 -11.49
CA LEU D 12 -10.40 -14.35 -10.22
C LEU D 12 -11.47 -15.23 -9.57
N GLN D 13 -12.75 -14.87 -9.69
CA GLN D 13 -13.81 -15.71 -9.16
C GLN D 13 -14.24 -16.80 -10.13
N GLU D 14 -14.20 -16.50 -11.43
CA GLU D 14 -14.75 -17.33 -12.49
C GLU D 14 -16.14 -17.73 -12.06
#